data_5R4U
#
_entry.id   5R4U
#
_cell.length_a   59.060
_cell.length_b   59.060
_cell.length_c   212.700
_cell.angle_alpha   90.000
_cell.angle_beta   90.000
_cell.angle_gamma   120.000
#
_symmetry.space_group_name_H-M   'P 32 2 1'
#
loop_
_entity.id
_entity.type
_entity.pdbx_description
1 polymer 'Cleavage and polyadenylation specificity factor subunit 5'
2 non-polymer (5S)-5-methyl-5-[(3-phenyl-1,2-oxazol-5-yl)methyl]pyrrolidine-2,4-dione
3 non-polymer 'ZINC ION'
4 non-polymer 'ACETATE ION'
5 water water
#
_entity_poly.entity_id   1
_entity_poly.type   'polypeptide(L)'
_entity_poly.pdbx_seq_one_letter_code
;SMLERTINLYPLTNYTFGTKEPLYEKDSSVAARFQRMREEFDKIGMRRTVEGVLIVHEHRLPHVLLLQLGTTFFKLPGGE
LNPGEDEVEGLKRLMTEILGRQDGVLQDWVIDDCIGNWWRPNFEPPQYPYIPAHITKPKEHKKLFLVQLQEKALFAVPKN
YKLVAAPLFELYDNAPGYGPIISSLPQLLSRFNFIYN
;
_entity_poly.pdbx_strand_id   A,B
#
# COMPACT_ATOMS: atom_id res chain seq x y z
N SER A 1 -23.43 41.34 -1.18
CA SER A 1 -22.74 41.38 0.16
C SER A 1 -22.71 39.99 0.80
N MET A 2 -23.61 39.08 0.39
CA MET A 2 -23.50 37.62 0.64
C MET A 2 -22.49 37.05 -0.35
N LEU A 3 -21.20 37.17 0.01
CA LEU A 3 -20.01 36.64 -0.73
C LEU A 3 -19.52 35.35 -0.05
N GLU A 4 -20.19 34.93 1.03
CA GLU A 4 -19.85 33.68 1.79
C GLU A 4 -20.45 32.46 1.07
N ARG A 5 -19.65 31.40 1.00
CA ARG A 5 -20.11 30.04 0.69
C ARG A 5 -20.97 29.53 1.84
N THR A 6 -22.11 28.96 1.51
CA THR A 6 -23.05 28.35 2.47
C THR A 6 -22.76 26.85 2.57
N ILE A 7 -22.54 26.34 3.79
CA ILE A 7 -22.19 24.91 4.02
C ILE A 7 -23.20 24.30 4.99
N ASN A 8 -23.87 23.24 4.58
CA ASN A 8 -24.80 22.47 5.44
C ASN A 8 -23.97 21.62 6.42
N LEU A 9 -24.21 21.79 7.72
CA LEU A 9 -23.71 20.91 8.79
C LEU A 9 -24.86 20.08 9.35
N TYR A 10 -24.56 18.85 9.76
CA TYR A 10 -25.56 17.95 10.40
C TYR A 10 -25.04 17.52 11.75
N PRO A 11 -25.91 17.03 12.65
CA PRO A 11 -25.50 16.55 13.97
C PRO A 11 -24.54 15.36 13.90
N LEU A 12 -23.57 15.33 14.80
CA LEU A 12 -22.62 14.20 14.96
C LEU A 12 -23.39 12.88 15.09
N THR A 13 -24.52 12.88 15.81
CA THR A 13 -25.43 11.72 16.02
C THR A 13 -26.06 11.26 14.69
N ASN A 14 -26.01 12.04 13.62
CA ASN A 14 -26.55 11.59 12.32
C ASN A 14 -25.63 10.58 11.64
N TYR A 15 -24.39 10.42 12.14
CA TYR A 15 -23.34 9.67 11.44
C TYR A 15 -23.05 8.39 12.23
N THR A 16 -22.85 7.28 11.53
CA THR A 16 -22.52 5.98 12.16
C THR A 16 -21.03 5.72 11.96
N PHE A 17 -20.30 5.48 13.05
CA PHE A 17 -18.86 5.15 13.05
C PHE A 17 -18.68 3.67 13.39
N GLY A 18 -18.62 2.83 12.36
CA GLY A 18 -18.22 1.42 12.48
C GLY A 18 -16.71 1.28 12.58
N THR A 19 -16.22 0.04 12.48
CA THR A 19 -14.78 -0.30 12.60
C THR A 19 -14.41 -1.26 11.48
N LYS A 20 -13.17 -1.21 11.04
CA LYS A 20 -12.61 -2.17 10.04
C LYS A 20 -11.15 -2.40 10.38
N GLU A 21 -10.45 -3.23 9.59
CA GLU A 21 -9.06 -3.66 9.85
C GLU A 21 -8.17 -2.43 10.04
N PRO A 22 -7.05 -2.54 10.78
CA PRO A 22 -6.10 -1.44 10.88
C PRO A 22 -5.61 -1.02 9.50
N LEU A 23 -5.25 0.25 9.38
CA LEU A 23 -4.62 0.83 8.18
C LEU A 23 -3.26 1.35 8.64
N TYR A 24 -2.18 0.70 8.23
CA TYR A 24 -0.81 0.99 8.76
C TYR A 24 -0.18 2.09 7.88
N GLU A 25 0.54 3.01 8.52
CA GLU A 25 1.35 4.06 7.83
C GLU A 25 2.49 3.36 7.08
N LYS A 26 2.98 3.98 6.00
CA LYS A 26 4.12 3.46 5.20
C LYS A 26 5.43 3.64 5.98
N ASP A 27 5.47 4.62 6.89
CA ASP A 27 6.68 4.95 7.65
C ASP A 27 6.49 4.49 9.09
N SER A 28 7.47 3.77 9.63
CA SER A 28 7.46 3.25 11.03
C SER A 28 8.03 4.29 12.00
N SER A 29 8.46 5.47 11.52
CA SER A 29 9.07 6.54 12.35
C SER A 29 9.19 7.82 11.53
N VAL A 30 9.35 8.96 12.21
CA VAL A 30 9.64 10.28 11.57
C VAL A 30 10.88 10.11 10.68
N ALA A 31 11.90 9.39 11.16
CA ALA A 31 13.19 9.24 10.44
C ALA A 31 12.93 8.57 9.09
N ALA A 32 12.19 7.45 9.09
CA ALA A 32 11.79 6.71 7.87
C ALA A 32 10.95 7.63 6.95
N ARG A 33 10.00 8.36 7.53
CA ARG A 33 9.09 9.30 6.82
C ARG A 33 9.93 10.26 5.97
N PHE A 34 10.91 10.92 6.60
CA PHE A 34 11.77 11.88 5.89
C PHE A 34 12.75 11.15 4.93
N GLN A 35 13.21 9.95 5.25
CA GLN A 35 14.06 9.14 4.34
C GLN A 35 13.26 8.90 3.05
N ARG A 36 12.05 8.35 3.19
CA ARG A 36 11.22 8.00 2.00
C ARG A 36 10.91 9.27 1.22
N MET A 37 10.66 10.38 1.91
CA MET A 37 10.40 11.68 1.25
C MET A 37 11.61 12.11 0.41
N ARG A 38 12.83 11.87 0.90
N ARG A 38 12.83 11.87 0.90
CA ARG A 38 14.09 12.16 0.16
CA ARG A 38 14.09 12.18 0.15
C ARG A 38 14.16 11.28 -1.09
C ARG A 38 14.17 11.29 -1.10
N GLU A 39 14.01 9.97 -0.91
CA GLU A 39 14.05 8.98 -2.02
C GLU A 39 13.02 9.33 -3.10
N GLU A 40 11.78 9.60 -2.73
CA GLU A 40 10.75 9.91 -3.73
C GLU A 40 11.05 11.28 -4.37
N PHE A 41 11.50 12.27 -3.61
CA PHE A 41 11.75 13.59 -4.21
C PHE A 41 12.73 13.42 -5.40
N ASP A 42 13.82 12.68 -5.19
CA ASP A 42 14.86 12.47 -6.24
C ASP A 42 14.29 11.71 -7.44
N LYS A 43 13.23 10.90 -7.30
CA LYS A 43 12.63 10.13 -8.43
C LYS A 43 11.52 10.94 -9.12
N ILE A 44 10.60 11.58 -8.37
CA ILE A 44 9.31 12.09 -8.93
C ILE A 44 9.04 13.51 -8.46
N GLY A 45 9.99 14.16 -7.80
CA GLY A 45 9.86 15.56 -7.34
C GLY A 45 8.93 15.71 -6.14
N MET A 46 8.47 16.93 -5.97
CA MET A 46 7.72 17.43 -4.80
C MET A 46 6.56 16.47 -4.50
N ARG A 47 6.47 16.04 -3.26
CA ARG A 47 5.31 15.31 -2.72
C ARG A 47 4.06 16.22 -2.75
N ARG A 48 2.95 15.70 -3.28
CA ARG A 48 1.63 16.38 -3.35
C ARG A 48 0.70 15.62 -2.43
N THR A 49 0.29 16.26 -1.33
N THR A 49 0.31 16.28 -1.33
CA THR A 49 -0.63 15.68 -0.33
CA THR A 49 -0.60 15.74 -0.28
C THR A 49 -1.93 16.47 -0.30
C THR A 49 -1.94 16.47 -0.39
N VAL A 50 -3.04 15.77 -0.06
CA VAL A 50 -4.39 16.36 0.00
C VAL A 50 -4.98 15.94 1.33
N GLU A 51 -5.76 16.80 1.93
CA GLU A 51 -6.36 16.58 3.27
C GLU A 51 -7.79 17.11 3.22
N GLY A 52 -8.71 16.37 3.78
CA GLY A 52 -10.14 16.75 3.83
C GLY A 52 -10.54 17.20 5.22
N VAL A 53 -11.30 18.28 5.26
CA VAL A 53 -11.92 18.84 6.49
C VAL A 53 -13.41 18.52 6.42
N LEU A 54 -13.82 17.65 7.34
CA LEU A 54 -15.20 17.14 7.45
C LEU A 54 -15.76 17.76 8.73
N ILE A 55 -16.85 18.47 8.60
CA ILE A 55 -17.42 19.22 9.73
C ILE A 55 -18.80 18.65 10.05
N VAL A 56 -19.07 18.52 11.34
CA VAL A 56 -20.40 18.24 11.88
C VAL A 56 -20.74 19.32 12.90
N HIS A 57 -21.90 19.21 13.54
CA HIS A 57 -22.13 20.00 14.78
C HIS A 57 -22.83 19.15 15.84
N GLU A 58 -22.74 19.63 17.09
N GLU A 58 -22.76 19.59 17.09
CA GLU A 58 -23.59 19.22 18.23
CA GLU A 58 -23.72 19.16 18.15
C GLU A 58 -24.19 20.48 18.85
C GLU A 58 -24.20 20.41 18.88
N HIS A 59 -25.52 20.62 18.86
CA HIS A 59 -26.19 21.75 19.53
C HIS A 59 -25.63 23.06 18.94
N ARG A 60 -25.41 23.06 17.62
CA ARG A 60 -24.97 24.20 16.78
C ARG A 60 -23.52 24.57 17.07
N LEU A 61 -22.72 23.69 17.70
CA LEU A 61 -21.28 23.91 17.96
C LEU A 61 -20.48 23.14 16.91
N PRO A 62 -19.76 23.81 15.98
CA PRO A 62 -19.13 23.07 14.88
C PRO A 62 -17.99 22.23 15.43
N HIS A 63 -17.81 21.04 14.86
CA HIS A 63 -16.72 20.09 15.20
C HIS A 63 -16.08 19.62 13.89
N VAL A 64 -14.75 19.55 13.88
CA VAL A 64 -13.93 18.98 12.78
C VAL A 64 -13.63 17.52 13.17
N LEU A 65 -13.84 16.58 12.25
CA LEU A 65 -13.50 15.16 12.46
C LEU A 65 -12.00 15.00 12.26
N LEU A 66 -11.32 14.55 13.30
CA LEU A 66 -9.88 14.22 13.27
C LEU A 66 -9.70 12.72 13.46
N LEU A 67 -8.62 12.18 12.91
CA LEU A 67 -8.21 10.77 13.09
C LEU A 67 -7.04 10.77 14.04
N GLN A 68 -7.20 10.10 15.18
CA GLN A 68 -6.14 10.00 16.21
C GLN A 68 -5.46 8.65 16.03
N LEU A 69 -4.17 8.65 15.75
CA LEU A 69 -3.40 7.39 15.68
C LEU A 69 -3.20 6.91 17.14
N GLY A 70 -3.98 5.90 17.55
CA GLY A 70 -4.08 5.43 18.95
C GLY A 70 -4.42 6.56 19.91
N THR A 71 -3.46 6.98 20.74
CA THR A 71 -3.64 8.15 21.65
C THR A 71 -2.54 9.18 21.29
N THR A 72 -2.01 9.09 20.06
CA THR A 72 -0.84 9.91 19.63
C THR A 72 -1.37 11.11 18.79
N PHE A 73 -0.66 11.43 17.71
CA PHE A 73 -0.88 12.60 16.81
C PHE A 73 -2.29 12.53 16.20
N PHE A 74 -2.86 13.71 15.96
CA PHE A 74 -4.16 13.91 15.28
C PHE A 74 -3.83 14.24 13.83
N LYS A 75 -4.60 13.68 12.90
CA LYS A 75 -4.44 13.98 11.46
C LYS A 75 -5.81 14.14 10.79
N LEU A 76 -5.83 14.86 9.67
CA LEU A 76 -6.98 14.96 8.78
C LEU A 76 -6.94 13.73 7.89
N PRO A 77 -8.10 13.20 7.49
CA PRO A 77 -8.17 12.18 6.46
C PRO A 77 -7.56 12.74 5.18
N GLY A 78 -6.67 11.96 4.54
CA GLY A 78 -5.94 12.48 3.37
C GLY A 78 -4.69 11.68 3.12
N GLY A 79 -3.76 12.22 2.35
CA GLY A 79 -2.47 11.56 2.06
C GLY A 79 -1.92 11.91 0.70
N GLU A 80 -1.09 11.02 0.16
CA GLU A 80 -0.21 11.34 -0.99
C GLU A 80 -0.93 11.00 -2.31
N LEU A 81 -0.88 11.96 -3.21
CA LEU A 81 -1.29 11.76 -4.61
C LEU A 81 -0.18 10.96 -5.28
N ASN A 82 -0.58 10.08 -6.18
CA ASN A 82 0.33 9.48 -7.21
C ASN A 82 0.68 10.52 -8.26
N PRO A 83 1.82 10.34 -8.97
CA PRO A 83 2.19 11.24 -10.06
C PRO A 83 1.10 11.26 -11.14
N GLY A 84 0.70 12.45 -11.57
CA GLY A 84 -0.33 12.66 -12.59
C GLY A 84 -1.76 12.53 -12.05
N GLU A 85 -1.95 12.28 -10.76
CA GLU A 85 -3.30 12.10 -10.20
C GLU A 85 -3.92 13.46 -9.87
N ASP A 86 -5.16 13.67 -10.32
CA ASP A 86 -6.04 14.82 -10.02
C ASP A 86 -6.17 14.94 -8.49
N GLU A 87 -6.05 16.17 -7.98
CA GLU A 87 -6.15 16.45 -6.51
C GLU A 87 -7.48 15.96 -5.95
N VAL A 88 -8.58 16.33 -6.60
CA VAL A 88 -9.94 16.07 -6.08
C VAL A 88 -10.22 14.57 -6.15
N GLU A 89 -10.01 13.92 -7.31
CA GLU A 89 -10.20 12.45 -7.45
C GLU A 89 -9.30 11.75 -6.43
N GLY A 90 -8.09 12.28 -6.20
CA GLY A 90 -7.13 11.70 -5.24
C GLY A 90 -7.64 11.76 -3.79
N LEU A 91 -8.20 12.90 -3.38
CA LEU A 91 -8.74 13.02 -2.01
C LEU A 91 -9.92 12.07 -1.85
N LYS A 92 -10.81 11.98 -2.87
CA LYS A 92 -11.99 11.06 -2.80
C LYS A 92 -11.48 9.62 -2.63
N ARG A 93 -10.43 9.25 -3.37
CA ARG A 93 -9.80 7.91 -3.29
C ARG A 93 -9.29 7.71 -1.87
N LEU A 94 -8.50 8.67 -1.34
CA LEU A 94 -7.85 8.51 -0.02
C LEU A 94 -8.90 8.48 1.11
N MET A 95 -9.93 9.31 1.02
CA MET A 95 -11.03 9.30 2.02
C MET A 95 -11.84 8.00 1.93
N THR A 96 -12.04 7.44 0.74
CA THR A 96 -12.71 6.11 0.60
C THR A 96 -11.84 5.06 1.30
N GLU A 97 -10.54 5.03 0.96
CA GLU A 97 -9.54 4.14 1.61
C GLU A 97 -9.62 4.20 3.13
N ILE A 98 -9.64 5.42 3.70
CA ILE A 98 -9.55 5.61 5.18
C ILE A 98 -10.91 5.33 5.85
N LEU A 99 -12.00 5.97 5.38
CA LEU A 99 -13.32 5.98 6.06
C LEU A 99 -14.40 5.22 5.28
N GLY A 100 -14.08 4.70 4.10
CA GLY A 100 -15.03 3.99 3.21
C GLY A 100 -15.58 2.74 3.87
N ARG A 101 -16.80 2.35 3.50
CA ARG A 101 -17.54 1.22 4.15
C ARG A 101 -17.06 -0.13 3.61
N GLN A 102 -17.06 -1.14 4.48
CA GLN A 102 -16.59 -2.53 4.22
C GLN A 102 -17.53 -3.21 3.23
N ASP A 103 -18.84 -2.93 3.35
CA ASP A 103 -19.91 -3.47 2.49
C ASP A 103 -19.77 -2.92 1.06
N GLY A 104 -18.79 -2.03 0.81
CA GLY A 104 -18.47 -1.52 -0.54
C GLY A 104 -19.68 -0.87 -1.20
N VAL A 105 -20.27 0.07 -0.47
CA VAL A 105 -21.38 0.97 -0.88
C VAL A 105 -20.68 2.31 -1.08
N LEU A 106 -20.97 3.01 -2.15
CA LEU A 106 -20.18 4.23 -2.39
C LEU A 106 -20.59 5.41 -1.50
N GLN A 107 -19.63 6.00 -0.78
CA GLN A 107 -19.94 7.26 -0.09
C GLN A 107 -19.92 8.32 -1.19
N ASP A 108 -20.76 9.34 -1.11
CA ASP A 108 -20.67 10.35 -2.18
C ASP A 108 -19.96 11.54 -1.58
N TRP A 109 -18.66 11.63 -1.81
CA TRP A 109 -17.88 12.77 -1.27
C TRP A 109 -18.16 14.01 -2.13
N VAL A 110 -18.48 15.13 -1.51
CA VAL A 110 -18.64 16.41 -2.27
C VAL A 110 -17.53 17.33 -1.80
N ILE A 111 -16.68 17.74 -2.73
CA ILE A 111 -15.50 18.62 -2.48
C ILE A 111 -15.61 19.85 -3.40
N ASP A 112 -15.98 21.02 -2.89
CA ASP A 112 -16.19 22.21 -3.78
C ASP A 112 -15.37 23.41 -3.33
N ASP A 113 -14.53 23.30 -2.29
CA ASP A 113 -13.84 24.45 -1.66
C ASP A 113 -12.38 24.06 -1.29
N CYS A 114 -11.38 24.74 -1.83
CA CYS A 114 -10.00 24.72 -1.27
C CYS A 114 -10.02 25.67 -0.09
N ILE A 115 -9.46 25.27 1.05
N ILE A 115 -9.47 25.26 1.04
CA ILE A 115 -9.43 26.14 2.25
CA ILE A 115 -9.42 26.15 2.23
C ILE A 115 -7.98 26.47 2.65
C ILE A 115 -7.99 26.64 2.45
N GLY A 116 -6.98 25.94 1.95
CA GLY A 116 -5.59 26.35 2.16
C GLY A 116 -4.56 25.50 1.45
N ASN A 117 -3.33 26.01 1.54
CA ASN A 117 -2.11 25.41 0.94
C ASN A 117 -1.00 25.51 1.99
N TRP A 118 -0.18 24.46 2.12
CA TRP A 118 0.98 24.45 3.03
C TRP A 118 2.17 23.88 2.28
N TRP A 119 3.33 24.44 2.54
CA TRP A 119 4.58 24.06 1.84
C TRP A 119 5.63 23.66 2.87
N ARG A 120 6.31 22.55 2.59
CA ARG A 120 7.45 22.03 3.38
C ARG A 120 8.71 22.36 2.59
N PRO A 121 9.53 23.33 3.04
CA PRO A 121 10.72 23.72 2.27
C PRO A 121 11.86 22.71 2.33
N ASN A 122 11.99 21.95 3.42
CA ASN A 122 13.11 20.99 3.61
C ASN A 122 12.55 19.61 3.95
N PHE A 123 13.40 18.60 4.10
CA PHE A 123 12.96 17.25 4.56
C PHE A 123 12.92 17.28 6.08
N GLU A 124 12.06 18.13 6.62
CA GLU A 124 12.05 18.45 8.06
C GLU A 124 10.61 18.81 8.39
N PRO A 125 10.25 18.80 9.68
CA PRO A 125 8.88 19.11 10.09
C PRO A 125 8.30 20.47 9.68
N PRO A 126 9.05 21.61 9.71
CA PRO A 126 8.44 22.90 9.45
C PRO A 126 7.66 23.03 8.13
N GLN A 127 6.43 23.51 8.23
CA GLN A 127 5.51 23.79 7.08
C GLN A 127 4.97 25.24 7.20
N TYR A 128 4.78 25.92 6.07
CA TYR A 128 4.30 27.33 6.03
C TYR A 128 3.12 27.45 5.09
N PRO A 129 2.22 28.41 5.33
CA PRO A 129 1.09 28.65 4.43
C PRO A 129 1.53 29.50 3.23
N TYR A 130 2.80 29.40 2.84
CA TYR A 130 3.39 30.14 1.70
C TYR A 130 4.74 29.48 1.39
N ILE A 131 5.28 29.71 0.20
CA ILE A 131 6.65 29.22 -0.13
C ILE A 131 7.65 30.18 0.49
N PRO A 132 8.46 29.77 1.49
CA PRO A 132 9.37 30.71 2.14
C PRO A 132 10.45 31.25 1.19
N ALA A 133 11.06 32.35 1.63
CA ALA A 133 12.08 33.10 0.87
C ALA A 133 13.22 32.16 0.48
N HIS A 134 13.68 32.29 -0.75
CA HIS A 134 14.90 31.62 -1.30
C HIS A 134 14.61 30.15 -1.65
N ILE A 135 13.38 29.67 -1.42
CA ILE A 135 13.03 28.24 -1.69
C ILE A 135 12.43 28.13 -3.09
N THR A 136 13.12 27.41 -3.98
CA THR A 136 12.72 27.17 -5.39
C THR A 136 12.17 25.75 -5.50
N LYS A 137 12.66 24.81 -4.68
CA LYS A 137 12.26 23.38 -4.74
C LYS A 137 11.69 22.96 -3.38
N PRO A 138 10.43 23.36 -3.05
CA PRO A 138 9.77 22.81 -1.88
C PRO A 138 9.63 21.29 -2.01
N LYS A 139 9.70 20.58 -0.89
CA LYS A 139 9.75 19.10 -0.87
C LYS A 139 8.34 18.53 -0.77
N GLU A 140 7.39 19.33 -0.27
CA GLU A 140 5.97 18.91 -0.17
C GLU A 140 5.05 20.12 -0.31
N HIS A 141 3.96 19.90 -1.03
CA HIS A 141 2.80 20.80 -1.14
C HIS A 141 1.55 20.06 -0.64
N LYS A 142 0.97 20.58 0.44
CA LYS A 142 -0.25 20.09 1.08
C LYS A 142 -1.42 21.03 0.75
N LYS A 143 -2.51 20.46 0.22
N LYS A 143 -2.50 20.46 0.19
CA LYS A 143 -3.73 21.24 -0.16
CA LYS A 143 -3.75 21.17 -0.17
C LYS A 143 -4.90 20.72 0.66
C LYS A 143 -4.86 20.69 0.76
N LEU A 144 -5.59 21.62 1.36
CA LEU A 144 -6.74 21.29 2.23
C LEU A 144 -8.02 21.65 1.50
N PHE A 145 -9.01 20.76 1.57
CA PHE A 145 -10.35 20.94 0.98
C PHE A 145 -11.41 20.77 2.06
N LEU A 146 -12.47 21.58 1.99
CA LEU A 146 -13.69 21.37 2.80
C LEU A 146 -14.51 20.28 2.12
N VAL A 147 -14.88 19.26 2.87
CA VAL A 147 -15.67 18.12 2.33
C VAL A 147 -17.08 18.30 2.87
N GLN A 148 -18.06 18.52 1.99
CA GLN A 148 -19.49 18.65 2.40
C GLN A 148 -20.05 17.25 2.64
N LEU A 149 -20.40 16.94 3.88
CA LEU A 149 -20.98 15.62 4.22
C LEU A 149 -22.45 15.59 3.80
N GLN A 150 -22.93 14.40 3.46
CA GLN A 150 -24.37 14.14 3.31
C GLN A 150 -25.02 14.22 4.70
N GLU A 151 -26.34 14.27 4.71
CA GLU A 151 -27.15 14.36 5.95
C GLU A 151 -26.82 13.17 6.86
N LYS A 152 -26.64 11.99 6.30
CA LYS A 152 -26.32 10.76 7.05
C LYS A 152 -25.31 9.95 6.25
N ALA A 153 -24.44 9.25 6.97
CA ALA A 153 -23.36 8.44 6.39
C ALA A 153 -22.92 7.41 7.41
N LEU A 154 -22.48 6.26 6.91
CA LEU A 154 -21.80 5.21 7.70
C LEU A 154 -20.30 5.34 7.38
N PHE A 155 -19.47 5.54 8.40
CA PHE A 155 -17.98 5.58 8.24
C PHE A 155 -17.40 4.34 8.94
N ALA A 156 -16.44 3.67 8.30
CA ALA A 156 -15.70 2.54 8.88
C ALA A 156 -14.31 3.07 9.25
N VAL A 157 -14.05 3.18 10.55
CA VAL A 157 -12.77 3.68 11.11
C VAL A 157 -11.82 2.51 11.28
N PRO A 158 -10.62 2.55 10.65
CA PRO A 158 -9.60 1.55 10.91
C PRO A 158 -9.38 1.44 12.42
N LYS A 159 -9.41 0.20 12.93
CA LYS A 159 -9.35 -0.21 14.36
C LYS A 159 -8.17 0.46 15.08
N ASN A 160 -7.07 0.75 14.38
CA ASN A 160 -5.88 1.39 15.01
C ASN A 160 -6.07 2.92 15.15
N TYR A 161 -7.15 3.52 14.63
CA TYR A 161 -7.42 4.97 14.79
C TYR A 161 -8.67 5.18 15.64
N LYS A 162 -8.74 6.30 16.38
CA LYS A 162 -10.03 6.85 16.91
C LYS A 162 -10.46 8.03 16.01
N LEU A 163 -11.75 8.13 15.73
CA LEU A 163 -12.39 9.29 15.07
C LEU A 163 -12.91 10.20 16.18
N VAL A 164 -12.33 11.38 16.33
CA VAL A 164 -12.70 12.36 17.38
C VAL A 164 -13.36 13.56 16.70
N ALA A 165 -14.46 14.02 17.25
CA ALA A 165 -15.11 15.29 16.87
C ALA A 165 -14.50 16.41 17.71
N ALA A 166 -13.66 17.25 17.11
CA ALA A 166 -12.92 18.32 17.83
C ALA A 166 -13.66 19.63 17.68
N PRO A 167 -14.12 20.27 18.77
CA PRO A 167 -14.75 21.58 18.66
C PRO A 167 -13.69 22.61 18.27
N LEU A 168 -14.09 23.68 17.61
CA LEU A 168 -13.12 24.69 17.11
C LEU A 168 -12.37 25.35 18.27
N PHE A 169 -13.02 25.66 19.38
CA PHE A 169 -12.32 26.38 20.48
C PHE A 169 -11.11 25.56 20.92
N GLU A 170 -11.20 24.24 20.83
CA GLU A 170 -10.10 23.35 21.28
C GLU A 170 -8.93 23.40 20.30
N LEU A 171 -9.21 23.67 19.02
CA LEU A 171 -8.15 23.73 17.98
C LEU A 171 -7.44 25.06 18.11
N TYR A 172 -8.23 26.09 18.38
CA TYR A 172 -7.79 27.50 18.29
C TYR A 172 -6.58 27.71 19.20
N ASP A 173 -5.50 28.22 18.61
CA ASP A 173 -4.28 28.66 19.32
C ASP A 173 -3.66 27.48 20.05
N ASN A 174 -3.85 26.24 19.56
CA ASN A 174 -3.35 24.98 20.17
C ASN A 174 -2.44 24.22 19.19
N ALA A 175 -1.46 24.92 18.59
CA ALA A 175 -0.44 24.32 17.70
C ALA A 175 0.29 23.19 18.41
N PRO A 176 0.74 23.34 19.68
CA PRO A 176 1.38 22.24 20.41
C PRO A 176 0.52 20.96 20.42
N GLY A 177 -0.77 21.07 20.72
CA GLY A 177 -1.72 19.93 20.70
C GLY A 177 -1.93 19.37 19.28
N TYR A 178 -1.96 20.21 18.24
CA TYR A 178 -2.52 19.81 16.92
C TYR A 178 -1.60 20.20 15.76
N GLY A 179 -0.54 21.00 15.99
CA GLY A 179 0.32 21.49 14.89
C GLY A 179 -0.30 22.69 14.17
N PRO A 180 0.49 23.35 13.29
CA PRO A 180 0.10 24.64 12.75
C PRO A 180 -1.04 24.56 11.72
N ILE A 181 -1.33 23.39 11.15
CA ILE A 181 -2.37 23.26 10.09
C ILE A 181 -3.75 23.12 10.73
N ILE A 182 -3.93 22.12 11.55
CA ILE A 182 -5.23 21.86 12.24
C ILE A 182 -5.56 23.03 13.19
N SER A 183 -4.56 23.56 13.90
CA SER A 183 -4.73 24.67 14.88
C SER A 183 -5.19 25.94 14.16
N SER A 184 -4.97 26.11 12.86
CA SER A 184 -5.44 27.33 12.13
C SER A 184 -6.75 27.05 11.37
N LEU A 185 -7.39 25.89 11.58
CA LEU A 185 -8.66 25.54 10.90
C LEU A 185 -9.76 26.47 11.36
N PRO A 186 -9.88 26.89 12.64
CA PRO A 186 -10.93 27.84 12.99
C PRO A 186 -10.87 29.13 12.14
N GLN A 187 -9.70 29.73 11.98
CA GLN A 187 -9.51 30.92 11.08
C GLN A 187 -9.93 30.56 9.65
N LEU A 188 -9.49 29.41 9.13
CA LEU A 188 -9.75 28.98 7.73
C LEU A 188 -11.22 28.66 7.51
N LEU A 189 -11.98 28.28 8.55
CA LEU A 189 -13.43 27.97 8.40
C LEU A 189 -14.29 29.21 8.68
N SER A 190 -13.76 30.29 9.24
CA SER A 190 -14.59 31.43 9.72
C SER A 190 -15.34 32.09 8.54
N ARG A 191 -14.85 31.95 7.32
CA ARG A 191 -15.47 32.64 6.17
C ARG A 191 -16.76 31.94 5.75
N PHE A 192 -17.05 30.73 6.22
CA PHE A 192 -18.19 29.94 5.71
C PHE A 192 -19.44 30.32 6.49
N ASN A 193 -20.57 30.30 5.80
CA ASN A 193 -21.92 30.46 6.39
C ASN A 193 -22.43 29.03 6.67
N PHE A 194 -22.26 28.54 7.89
CA PHE A 194 -22.68 27.15 8.24
C PHE A 194 -24.19 27.15 8.50
N ILE A 195 -24.95 26.26 7.87
CA ILE A 195 -26.36 25.95 8.30
C ILE A 195 -26.28 24.80 9.31
N TYR A 196 -26.86 24.96 10.50
CA TYR A 196 -26.89 23.91 11.52
C TYR A 196 -28.19 23.13 11.37
N ASN A 197 -28.16 21.97 10.71
CA ASN A 197 -29.38 21.22 10.31
C ASN A 197 -29.73 20.22 11.41
N SER B 1 12.80 5.63 -26.72
CA SER B 1 12.13 4.53 -27.50
C SER B 1 12.70 3.15 -27.13
N MET B 2 13.69 3.09 -26.23
CA MET B 2 13.95 1.90 -25.37
C MET B 2 13.25 2.12 -24.02
N LEU B 3 11.98 1.72 -23.96
CA LEU B 3 11.10 1.82 -22.77
C LEU B 3 11.19 0.50 -21.99
N GLU B 4 12.33 -0.21 -22.07
CA GLU B 4 12.49 -1.62 -21.61
C GLU B 4 13.48 -1.72 -20.44
N ARG B 5 13.06 -2.33 -19.35
CA ARG B 5 13.92 -2.63 -18.19
C ARG B 5 14.93 -3.71 -18.60
N THR B 6 16.20 -3.50 -18.28
CA THR B 6 17.33 -4.41 -18.58
C THR B 6 17.63 -5.25 -17.34
N ILE B 7 17.63 -6.56 -17.52
CA ILE B 7 17.88 -7.53 -16.40
C ILE B 7 19.08 -8.42 -16.74
N ASN B 8 20.07 -8.45 -15.86
CA ASN B 8 21.22 -9.37 -15.96
C ASN B 8 20.74 -10.77 -15.58
N LEU B 9 20.95 -11.75 -16.47
CA LEU B 9 20.84 -13.20 -16.12
C LEU B 9 22.24 -13.81 -16.14
N TYR B 10 22.44 -14.81 -15.29
CA TYR B 10 23.66 -15.62 -15.20
C TYR B 10 23.33 -17.09 -15.35
N PRO B 11 24.30 -17.90 -15.81
CA PRO B 11 24.07 -19.30 -16.08
C PRO B 11 23.67 -19.98 -14.78
N LEU B 12 22.83 -21.00 -14.91
CA LEU B 12 22.37 -21.82 -13.76
C LEU B 12 23.56 -22.33 -12.95
N THR B 13 24.67 -22.71 -13.60
CA THR B 13 25.85 -23.31 -12.91
C THR B 13 26.65 -22.25 -12.11
N ASN B 14 26.28 -20.97 -12.19
CA ASN B 14 26.83 -19.92 -11.29
C ASN B 14 26.26 -20.08 -9.89
N TYR B 15 25.16 -20.85 -9.73
CA TYR B 15 24.45 -20.90 -8.44
C TYR B 15 24.72 -22.25 -7.77
N THR B 16 24.87 -22.24 -6.45
CA THR B 16 25.08 -23.46 -5.63
C THR B 16 23.79 -23.73 -4.87
N PHE B 17 23.25 -24.94 -4.98
CA PHE B 17 21.96 -25.36 -4.35
C PHE B 17 22.24 -26.29 -3.17
N GLY B 18 22.44 -25.74 -1.97
CA GLY B 18 22.54 -26.49 -0.71
C GLY B 18 21.17 -26.98 -0.24
N THR B 19 21.14 -27.67 0.90
CA THR B 19 19.91 -28.22 1.51
C THR B 19 19.89 -27.74 2.96
N LYS B 20 18.70 -27.56 3.53
CA LYS B 20 18.58 -27.28 4.96
C LYS B 20 17.36 -28.03 5.48
N GLU B 21 17.00 -27.80 6.74
CA GLU B 21 15.89 -28.51 7.43
C GLU B 21 14.60 -28.28 6.66
N PRO B 22 13.64 -29.23 6.74
CA PRO B 22 12.39 -29.08 6.02
C PRO B 22 11.69 -27.81 6.54
N LEU B 23 10.96 -27.15 5.64
CA LEU B 23 10.03 -26.04 5.92
C LEU B 23 8.64 -26.56 5.57
N TYR B 24 7.72 -26.57 6.53
CA TYR B 24 6.32 -27.06 6.39
C TYR B 24 5.39 -25.84 6.29
N GLU B 25 4.25 -25.99 5.60
CA GLU B 25 3.18 -24.96 5.55
C GLU B 25 2.49 -24.89 6.93
N LYS B 26 2.00 -23.71 7.33
CA LYS B 26 1.17 -23.50 8.55
C LYS B 26 -0.11 -24.35 8.46
N ASP B 27 -0.70 -24.48 7.25
CA ASP B 27 -2.00 -25.16 7.00
C ASP B 27 -1.77 -26.61 6.58
N SER B 28 -2.51 -27.55 7.19
CA SER B 28 -2.36 -29.02 7.02
C SER B 28 -3.17 -29.51 5.80
N SER B 29 -4.13 -28.72 5.31
CA SER B 29 -5.18 -29.16 4.36
C SER B 29 -5.81 -27.97 3.64
N VAL B 30 -6.60 -28.23 2.58
CA VAL B 30 -7.33 -27.23 1.74
C VAL B 30 -8.39 -26.51 2.58
N ALA B 31 -8.97 -27.20 3.57
CA ALA B 31 -10.06 -26.67 4.43
C ALA B 31 -9.47 -25.86 5.60
N ALA B 32 -8.36 -26.33 6.20
CA ALA B 32 -7.59 -25.58 7.22
C ALA B 32 -7.07 -24.27 6.60
N ARG B 33 -6.74 -24.31 5.30
CA ARG B 33 -6.21 -23.14 4.56
C ARG B 33 -7.28 -22.05 4.53
N PHE B 34 -8.48 -22.37 4.02
CA PHE B 34 -9.59 -21.41 3.87
C PHE B 34 -10.19 -21.08 5.24
N GLN B 35 -10.07 -21.96 6.24
CA GLN B 35 -10.50 -21.69 7.64
C GLN B 35 -9.64 -20.55 8.19
N ARG B 36 -8.30 -20.68 8.11
CA ARG B 36 -7.36 -19.69 8.70
C ARG B 36 -7.50 -18.36 7.96
N MET B 37 -7.71 -18.43 6.64
CA MET B 37 -7.95 -17.27 5.76
C MET B 37 -9.19 -16.52 6.30
N ARG B 38 -10.27 -17.24 6.63
CA ARG B 38 -11.49 -16.67 7.29
C ARG B 38 -11.12 -16.01 8.62
N GLU B 39 -10.53 -16.76 9.57
CA GLU B 39 -10.16 -16.23 10.91
C GLU B 39 -9.41 -14.91 10.72
N GLU B 40 -8.36 -14.92 9.89
CA GLU B 40 -7.44 -13.76 9.76
C GLU B 40 -8.14 -12.63 9.01
N PHE B 41 -8.91 -12.94 7.97
CA PHE B 41 -9.64 -11.89 7.20
C PHE B 41 -10.41 -11.02 8.20
N ASP B 42 -11.02 -11.64 9.23
CA ASP B 42 -11.80 -10.94 10.28
C ASP B 42 -10.89 -10.02 11.13
N LYS B 43 -9.73 -10.50 11.59
CA LYS B 43 -8.84 -9.74 12.52
C LYS B 43 -8.03 -8.67 11.76
N ILE B 44 -7.47 -8.95 10.57
CA ILE B 44 -6.61 -7.95 9.86
C ILE B 44 -7.08 -7.72 8.41
N GLY B 45 -8.18 -8.33 7.97
CA GLY B 45 -8.68 -8.14 6.59
C GLY B 45 -7.84 -8.89 5.57
N MET B 46 -7.69 -8.32 4.38
CA MET B 46 -7.22 -9.00 3.15
C MET B 46 -5.83 -9.59 3.40
N ARG B 47 -5.65 -10.90 3.19
CA ARG B 47 -4.31 -11.52 3.21
C ARG B 47 -3.46 -10.85 2.11
N ARG B 48 -2.23 -10.45 2.46
CA ARG B 48 -1.27 -9.83 1.51
C ARG B 48 -0.13 -10.82 1.30
N THR B 49 -0.04 -11.42 0.11
N THR B 49 -0.03 -11.39 0.09
CA THR B 49 1.03 -12.39 -0.25
CA THR B 49 1.00 -12.39 -0.29
C THR B 49 1.97 -11.79 -1.30
C THR B 49 1.98 -11.74 -1.29
N VAL B 50 3.26 -12.12 -1.19
CA VAL B 50 4.32 -11.63 -2.12
C VAL B 50 5.08 -12.86 -2.61
N GLU B 51 5.46 -12.83 -3.87
CA GLU B 51 6.15 -13.93 -4.58
C GLU B 51 7.28 -13.33 -5.40
N GLY B 52 8.42 -14.01 -5.39
CA GLY B 52 9.62 -13.59 -6.11
C GLY B 52 9.87 -14.48 -7.29
N VAL B 53 10.26 -13.85 -8.39
CA VAL B 53 10.56 -14.53 -9.66
C VAL B 53 12.06 -14.36 -9.86
N LEU B 54 12.75 -15.47 -9.65
CA LEU B 54 14.21 -15.59 -9.82
C LEU B 54 14.45 -16.22 -11.18
N ILE B 55 15.28 -15.56 -11.97
CA ILE B 55 15.56 -16.00 -13.35
C ILE B 55 17.05 -16.28 -13.48
N VAL B 56 17.33 -17.39 -14.14
CA VAL B 56 18.69 -17.76 -14.61
C VAL B 56 18.59 -17.99 -16.11
N HIS B 57 19.70 -18.36 -16.73
CA HIS B 57 19.66 -18.82 -18.12
C HIS B 57 20.54 -20.05 -18.23
N GLU B 58 20.27 -20.90 -19.21
N GLU B 58 20.20 -20.87 -19.23
CA GLU B 58 21.20 -21.96 -19.64
CA GLU B 58 21.01 -21.95 -19.81
C GLU B 58 20.96 -22.19 -21.12
C GLU B 58 20.93 -21.79 -21.33
N HIS B 59 21.93 -21.78 -21.94
N HIS B 59 22.07 -21.89 -22.03
CA HIS B 59 21.88 -21.79 -23.42
CA HIS B 59 22.17 -21.71 -23.50
C HIS B 59 21.27 -20.48 -23.92
C HIS B 59 21.34 -20.49 -23.93
N ARG B 60 21.45 -19.40 -23.16
CA ARG B 60 20.75 -18.10 -23.41
C ARG B 60 19.21 -18.27 -23.51
N LEU B 61 18.62 -19.26 -22.81
CA LEU B 61 17.14 -19.37 -22.59
C LEU B 61 16.80 -19.06 -21.14
N PRO B 62 15.86 -18.13 -20.86
CA PRO B 62 15.53 -17.78 -19.48
C PRO B 62 14.81 -18.98 -18.83
N HIS B 63 15.17 -19.28 -17.60
CA HIS B 63 14.50 -20.29 -16.75
C HIS B 63 14.08 -19.62 -15.45
N VAL B 64 12.88 -19.93 -14.98
CA VAL B 64 12.39 -19.47 -13.65
C VAL B 64 12.70 -20.55 -12.62
N LEU B 65 13.19 -20.13 -11.46
CA LEU B 65 13.44 -21.04 -10.31
C LEU B 65 12.12 -21.30 -9.57
N LEU B 66 11.67 -22.56 -9.56
CA LEU B 66 10.44 -23.01 -8.86
C LEU B 66 10.81 -23.97 -7.73
N LEU B 67 10.04 -23.91 -6.64
CA LEU B 67 10.09 -24.93 -5.58
C LEU B 67 9.09 -26.03 -5.95
N GLN B 68 9.60 -27.24 -6.16
CA GLN B 68 8.81 -28.45 -6.47
C GLN B 68 8.52 -29.23 -5.17
N LEU B 69 7.24 -29.55 -4.97
CA LEU B 69 6.73 -30.47 -3.93
C LEU B 69 6.12 -31.69 -4.63
N GLY B 70 6.57 -32.89 -4.26
CA GLY B 70 6.18 -34.15 -4.91
C GLY B 70 6.75 -34.24 -6.31
N THR B 71 5.95 -34.72 -7.27
CA THR B 71 6.24 -34.67 -8.73
C THR B 71 5.54 -33.45 -9.35
N THR B 72 4.38 -33.07 -8.81
CA THR B 72 3.35 -32.27 -9.53
C THR B 72 3.15 -30.87 -8.94
N PHE B 73 3.54 -30.60 -7.70
CA PHE B 73 3.21 -29.31 -7.02
C PHE B 73 4.40 -28.37 -7.24
N PHE B 74 4.13 -27.17 -7.78
CA PHE B 74 5.14 -26.11 -8.05
C PHE B 74 4.71 -24.80 -7.37
N LYS B 75 5.62 -24.12 -6.67
CA LYS B 75 5.31 -22.80 -6.05
C LYS B 75 6.48 -21.86 -6.30
N LEU B 76 6.19 -20.57 -6.45
CA LEU B 76 7.24 -19.53 -6.36
C LEU B 76 7.64 -19.38 -4.89
N PRO B 77 8.90 -19.02 -4.58
CA PRO B 77 9.24 -18.63 -3.22
C PRO B 77 8.48 -17.34 -2.87
N GLY B 78 7.93 -17.31 -1.66
CA GLY B 78 7.12 -16.19 -1.17
C GLY B 78 6.31 -16.60 0.04
N GLY B 79 5.22 -15.88 0.31
CA GLY B 79 4.37 -16.10 1.49
C GLY B 79 3.70 -14.83 2.00
N GLU B 80 3.20 -14.87 3.23
CA GLU B 80 2.29 -13.86 3.84
C GLU B 80 3.12 -12.74 4.47
N LEU B 81 2.75 -11.50 4.20
CA LEU B 81 3.28 -10.30 4.91
C LEU B 81 2.68 -10.27 6.32
N ASN B 82 3.46 -9.83 7.30
CA ASN B 82 2.96 -9.56 8.67
C ASN B 82 2.12 -8.29 8.57
N PRO B 83 1.23 -8.03 9.54
CA PRO B 83 0.45 -6.78 9.56
C PRO B 83 1.34 -5.54 9.43
N GLY B 84 1.04 -4.68 8.46
CA GLY B 84 1.76 -3.39 8.26
C GLY B 84 3.14 -3.57 7.64
N GLU B 85 3.54 -4.79 7.26
CA GLU B 85 4.91 -5.04 6.72
C GLU B 85 5.06 -4.48 5.31
N ASP B 86 6.14 -3.75 5.02
CA ASP B 86 6.47 -3.30 3.64
C ASP B 86 6.57 -4.55 2.74
N GLU B 87 5.95 -4.48 1.55
CA GLU B 87 5.93 -5.57 0.52
C GLU B 87 7.37 -6.04 0.21
N VAL B 88 8.26 -5.14 -0.14
CA VAL B 88 9.63 -5.52 -0.60
C VAL B 88 10.43 -6.08 0.59
N GLU B 89 10.42 -5.41 1.75
CA GLU B 89 11.20 -5.89 2.91
C GLU B 89 10.65 -7.25 3.38
N GLY B 90 9.35 -7.45 3.30
CA GLY B 90 8.68 -8.72 3.61
C GLY B 90 9.04 -9.80 2.61
N LEU B 91 9.08 -9.50 1.31
CA LEU B 91 9.54 -10.51 0.32
C LEU B 91 11.01 -10.86 0.61
N LYS B 92 11.87 -9.89 0.88
CA LYS B 92 13.30 -10.14 1.25
C LYS B 92 13.35 -11.08 2.47
N ARG B 93 12.59 -10.79 3.53
CA ARG B 93 12.51 -11.66 4.73
C ARG B 93 12.13 -13.10 4.35
N LEU B 94 11.12 -13.27 3.50
CA LEU B 94 10.58 -14.59 3.12
C LEU B 94 11.58 -15.38 2.26
N MET B 95 12.23 -14.68 1.32
N MET B 95 12.26 -14.70 1.34
CA MET B 95 13.29 -15.24 0.42
CA MET B 95 13.28 -15.28 0.43
C MET B 95 14.39 -15.85 1.27
C MET B 95 14.43 -15.84 1.26
N THR B 96 14.92 -15.07 2.23
CA THR B 96 15.98 -15.51 3.19
C THR B 96 15.45 -16.70 4.01
N GLU B 97 14.24 -16.61 4.53
CA GLU B 97 13.55 -17.72 5.27
C GLU B 97 13.55 -19.00 4.42
N ILE B 98 13.24 -18.90 3.13
CA ILE B 98 13.00 -20.11 2.31
C ILE B 98 14.32 -20.60 1.72
N LEU B 99 15.16 -19.72 1.17
CA LEU B 99 16.37 -20.10 0.39
C LEU B 99 17.64 -19.55 1.02
N GLY B 100 17.54 -18.86 2.14
CA GLY B 100 18.71 -18.20 2.75
C GLY B 100 19.61 -19.22 3.40
N ARG B 101 20.90 -19.19 3.04
CA ARG B 101 22.00 -20.01 3.63
C ARG B 101 22.01 -19.73 5.13
N GLN B 102 21.75 -20.75 5.94
CA GLN B 102 21.44 -20.64 7.40
C GLN B 102 22.59 -21.22 8.21
N ASP B 103 23.49 -20.36 8.73
CA ASP B 103 23.62 -18.95 8.38
C ASP B 103 25.11 -18.62 8.42
N GLY B 104 25.56 -17.58 7.69
CA GLY B 104 24.74 -16.68 6.90
C GLY B 104 25.53 -15.41 6.53
N VAL B 105 25.18 -14.77 5.40
CA VAL B 105 25.92 -13.60 4.83
C VAL B 105 25.56 -12.30 5.55
N LEU B 106 24.36 -11.74 5.34
CA LEU B 106 23.22 -12.38 4.68
C LEU B 106 23.18 -12.03 3.19
N GLN B 107 22.46 -12.85 2.41
CA GLN B 107 22.14 -12.61 0.98
C GLN B 107 21.37 -11.28 0.88
N ASP B 108 21.78 -10.36 0.01
CA ASP B 108 21.01 -9.12 -0.27
C ASP B 108 20.27 -9.30 -1.60
N TRP B 109 18.95 -9.39 -1.53
CA TRP B 109 18.05 -9.57 -2.70
C TRP B 109 17.80 -8.20 -3.32
N VAL B 110 17.98 -8.05 -4.62
CA VAL B 110 17.65 -6.79 -5.34
C VAL B 110 16.25 -6.99 -5.88
N ILE B 111 15.29 -6.19 -5.39
CA ILE B 111 13.85 -6.29 -5.77
C ILE B 111 13.40 -4.90 -6.23
N ASP B 112 13.40 -4.64 -7.54
CA ASP B 112 13.02 -3.31 -8.08
C ASP B 112 11.85 -3.39 -9.07
N ASP B 113 11.22 -4.54 -9.32
CA ASP B 113 10.20 -4.61 -10.40
C ASP B 113 8.97 -5.43 -9.99
N CYS B 114 7.80 -4.80 -10.03
CA CYS B 114 6.50 -5.48 -9.89
C CYS B 114 6.17 -6.04 -11.27
N ILE B 115 5.89 -7.34 -11.32
CA ILE B 115 5.60 -8.21 -12.49
C ILE B 115 4.08 -8.24 -12.72
N GLY B 116 3.30 -8.28 -11.63
CA GLY B 116 1.86 -8.55 -11.73
C GLY B 116 1.20 -8.69 -10.39
N ASN B 117 -0.12 -8.83 -10.43
CA ASN B 117 -1.00 -8.81 -9.24
C ASN B 117 -2.11 -9.84 -9.49
N TRP B 118 -2.40 -10.65 -8.47
CA TRP B 118 -3.51 -11.63 -8.51
C TRP B 118 -4.41 -11.41 -7.29
N TRP B 119 -5.72 -11.50 -7.50
CA TRP B 119 -6.73 -11.25 -6.43
C TRP B 119 -7.61 -12.49 -6.25
N ARG B 120 -7.86 -12.86 -5.01
CA ARG B 120 -8.80 -13.95 -4.62
C ARG B 120 -10.09 -13.29 -4.14
N PRO B 121 -11.18 -13.35 -4.92
CA PRO B 121 -12.44 -12.73 -4.53
C PRO B 121 -13.17 -13.42 -3.36
N ASN B 122 -13.01 -14.75 -3.18
CA ASN B 122 -13.71 -15.52 -2.12
C ASN B 122 -12.70 -16.35 -1.30
N PHE B 123 -13.22 -17.13 -0.36
CA PHE B 123 -12.47 -18.16 0.40
C PHE B 123 -12.59 -19.45 -0.41
N GLU B 124 -11.90 -19.46 -1.56
CA GLU B 124 -12.02 -20.51 -2.61
C GLU B 124 -10.77 -20.42 -3.49
N PRO B 125 -10.37 -21.52 -4.15
CA PRO B 125 -9.14 -21.52 -4.95
C PRO B 125 -9.03 -20.40 -5.99
N PRO B 126 -10.11 -20.05 -6.75
CA PRO B 126 -9.98 -19.17 -7.91
C PRO B 126 -9.32 -17.82 -7.61
N GLN B 127 -8.39 -17.43 -8.49
CA GLN B 127 -7.60 -16.17 -8.42
C GLN B 127 -7.56 -15.56 -9.80
N TYR B 128 -7.57 -14.23 -9.86
CA TYR B 128 -7.75 -13.45 -11.10
C TYR B 128 -6.71 -12.33 -11.16
N PRO B 129 -6.22 -11.99 -12.39
CA PRO B 129 -5.21 -10.96 -12.57
C PRO B 129 -5.86 -9.58 -12.70
N TYR B 130 -7.01 -9.44 -12.08
CA TYR B 130 -7.85 -8.20 -12.10
C TYR B 130 -8.76 -8.30 -10.87
N ILE B 131 -9.29 -7.17 -10.42
CA ILE B 131 -10.29 -7.17 -9.31
C ILE B 131 -11.65 -7.42 -9.94
N PRO B 132 -12.31 -8.54 -9.63
CA PRO B 132 -13.55 -8.87 -10.34
C PRO B 132 -14.67 -7.86 -9.98
N ALA B 133 -15.61 -7.68 -10.89
CA ALA B 133 -16.70 -6.65 -10.82
C ALA B 133 -17.47 -6.81 -9.51
N HIS B 134 -17.64 -5.69 -8.79
CA HIS B 134 -18.44 -5.62 -7.54
C HIS B 134 -17.74 -6.39 -6.43
N ILE B 135 -16.45 -6.70 -6.55
CA ILE B 135 -15.69 -7.33 -5.41
C ILE B 135 -14.91 -6.20 -4.70
N THR B 136 -15.51 -5.63 -3.67
CA THR B 136 -14.98 -4.45 -2.94
C THR B 136 -14.02 -4.96 -1.86
N LYS B 137 -14.17 -6.23 -1.46
CA LYS B 137 -13.45 -6.82 -0.30
C LYS B 137 -12.77 -8.11 -0.72
N PRO B 138 -11.68 -8.08 -1.53
CA PRO B 138 -11.00 -9.32 -1.92
C PRO B 138 -10.39 -10.01 -0.69
N LYS B 139 -10.34 -11.34 -0.65
CA LYS B 139 -9.83 -12.07 0.55
C LYS B 139 -8.30 -12.13 0.54
N GLU B 140 -7.69 -12.04 -0.64
CA GLU B 140 -6.22 -12.11 -0.76
C GLU B 140 -5.78 -11.28 -1.97
N HIS B 141 -4.67 -10.61 -1.79
CA HIS B 141 -3.92 -9.93 -2.86
C HIS B 141 -2.50 -10.50 -2.88
N LYS B 142 -2.10 -11.00 -4.04
CA LYS B 142 -0.79 -11.61 -4.33
C LYS B 142 -0.05 -10.68 -5.30
N LYS B 143 1.13 -10.23 -4.91
CA LYS B 143 2.01 -9.36 -5.74
C LYS B 143 3.23 -10.18 -6.15
N LEU B 144 3.52 -10.18 -7.44
CA LEU B 144 4.70 -10.85 -8.03
C LEU B 144 5.78 -9.77 -8.25
N PHE B 145 7.01 -10.08 -7.87
CA PHE B 145 8.20 -9.23 -8.08
C PHE B 145 9.27 -10.03 -8.80
N LEU B 146 9.96 -9.36 -9.71
CA LEU B 146 11.21 -9.87 -10.34
C LEU B 146 12.36 -9.60 -9.38
N VAL B 147 13.02 -10.67 -8.93
CA VAL B 147 14.16 -10.64 -7.97
C VAL B 147 15.42 -10.81 -8.81
N GLN B 148 16.23 -9.77 -8.93
CA GLN B 148 17.50 -9.80 -9.72
C GLN B 148 18.59 -10.51 -8.89
N LEU B 149 19.18 -11.55 -9.46
CA LEU B 149 20.22 -12.36 -8.78
C LEU B 149 21.58 -11.73 -9.01
N GLN B 150 22.44 -11.85 -8.00
CA GLN B 150 23.89 -11.56 -8.11
C GLN B 150 24.50 -12.59 -9.08
N GLU B 151 25.67 -12.26 -9.63
CA GLU B 151 26.39 -13.16 -10.56
C GLU B 151 26.56 -14.56 -9.98
N LYS B 152 26.88 -14.70 -8.68
CA LYS B 152 27.01 -16.02 -7.99
C LYS B 152 26.27 -15.97 -6.67
N ALA B 153 25.57 -17.07 -6.29
CA ALA B 153 24.90 -17.15 -4.98
C ALA B 153 24.73 -18.61 -4.52
N LEU B 154 24.69 -18.79 -3.21
CA LEU B 154 24.45 -20.09 -2.54
C LEU B 154 23.02 -20.06 -2.02
N PHE B 155 22.17 -20.97 -2.50
CA PHE B 155 20.79 -21.16 -2.00
C PHE B 155 20.73 -22.43 -1.13
N ALA B 156 20.10 -22.34 0.03
CA ALA B 156 19.88 -23.49 0.94
C ALA B 156 18.40 -23.87 0.81
N VAL B 157 18.11 -24.91 0.06
CA VAL B 157 16.71 -25.36 -0.25
C VAL B 157 16.23 -26.27 0.88
N PRO B 158 15.06 -26.00 1.50
CA PRO B 158 14.50 -26.90 2.51
C PRO B 158 14.37 -28.31 1.92
N LYS B 159 14.88 -29.29 2.65
CA LYS B 159 15.03 -30.71 2.24
C LYS B 159 13.73 -31.27 1.66
N ASN B 160 12.55 -30.81 2.07
CA ASN B 160 11.28 -31.35 1.52
C ASN B 160 10.99 -30.74 0.15
N TYR B 161 11.76 -29.75 -0.30
CA TYR B 161 11.58 -29.17 -1.66
C TYR B 161 12.80 -29.44 -2.54
N LYS B 162 12.54 -29.49 -3.85
CA LYS B 162 13.56 -29.40 -4.92
C LYS B 162 13.42 -28.01 -5.55
N LEU B 163 14.54 -27.29 -5.70
CA LEU B 163 14.58 -26.11 -6.61
C LEU B 163 14.78 -26.60 -8.03
N VAL B 164 13.93 -26.16 -8.94
CA VAL B 164 14.04 -26.52 -10.37
C VAL B 164 14.09 -25.25 -11.20
N ALA B 165 14.89 -25.29 -12.26
CA ALA B 165 15.05 -24.23 -13.27
C ALA B 165 14.14 -24.59 -14.44
N ALA B 166 12.98 -23.95 -14.54
CA ALA B 166 11.96 -24.22 -15.58
C ALA B 166 12.16 -23.23 -16.70
N PRO B 167 12.45 -23.72 -17.93
CA PRO B 167 12.51 -22.83 -19.08
C PRO B 167 11.12 -22.23 -19.33
N LEU B 168 11.06 -21.03 -19.91
CA LEU B 168 9.79 -20.31 -20.11
C LEU B 168 8.87 -21.13 -21.03
N PHE B 169 9.40 -21.75 -22.09
CA PHE B 169 8.57 -22.50 -23.06
C PHE B 169 7.85 -23.63 -22.35
N GLU B 170 8.34 -24.16 -21.22
CA GLU B 170 7.64 -25.26 -20.52
C GLU B 170 6.43 -24.70 -19.77
N LEU B 171 6.63 -23.54 -19.13
CA LEU B 171 5.59 -22.83 -18.35
C LEU B 171 4.44 -22.49 -19.30
N TYR B 172 4.74 -21.95 -20.47
CA TYR B 172 3.73 -21.47 -21.45
C TYR B 172 2.88 -22.65 -21.97
N ASP B 173 1.73 -22.27 -22.49
CA ASP B 173 0.41 -22.27 -21.81
C ASP B 173 0.10 -23.72 -21.36
N ASN B 174 0.40 -23.92 -20.09
CA ASN B 174 0.60 -25.21 -19.39
C ASN B 174 0.11 -24.92 -17.96
N ALA B 175 -0.97 -24.15 -17.89
CA ALA B 175 -1.76 -23.94 -16.66
C ALA B 175 -2.14 -25.31 -16.12
N PRO B 176 -2.45 -26.32 -16.97
CA PRO B 176 -2.81 -27.62 -16.43
C PRO B 176 -1.64 -28.01 -15.50
N GLY B 177 -0.40 -27.93 -16.00
CA GLY B 177 0.78 -28.34 -15.22
C GLY B 177 1.14 -27.34 -14.12
N TYR B 178 1.07 -26.04 -14.37
CA TYR B 178 1.74 -25.05 -13.50
C TYR B 178 0.77 -24.13 -12.76
N GLY B 179 -0.50 -24.10 -13.16
CA GLY B 179 -1.49 -23.17 -12.59
C GLY B 179 -1.44 -21.83 -13.35
N PRO B 180 -2.50 -21.00 -13.23
CA PRO B 180 -2.59 -19.78 -14.04
C PRO B 180 -1.51 -18.72 -13.76
N ILE B 181 -0.98 -18.65 -12.54
CA ILE B 181 0.07 -17.67 -12.14
C ILE B 181 1.43 -18.02 -12.77
N ILE B 182 1.96 -19.21 -12.48
CA ILE B 182 3.29 -19.64 -13.00
C ILE B 182 3.24 -19.72 -14.54
N SER B 183 2.18 -20.24 -15.11
CA SER B 183 2.09 -20.47 -16.57
C SER B 183 1.95 -19.15 -17.35
N SER B 184 1.64 -18.01 -16.71
CA SER B 184 1.63 -16.70 -17.39
C SER B 184 2.89 -15.89 -17.06
N LEU B 185 3.88 -16.47 -16.38
CA LEU B 185 5.16 -15.78 -16.14
C LEU B 185 5.83 -15.42 -17.47
N PRO B 186 5.80 -16.26 -18.52
CA PRO B 186 6.44 -15.89 -19.79
C PRO B 186 5.88 -14.56 -20.34
N GLN B 187 4.55 -14.42 -20.43
CA GLN B 187 3.89 -13.19 -20.88
C GLN B 187 4.41 -12.02 -20.01
N LEU B 188 4.46 -12.20 -18.68
CA LEU B 188 4.85 -11.17 -17.68
C LEU B 188 6.32 -10.79 -17.81
N LEU B 189 7.16 -11.72 -18.25
CA LEU B 189 8.61 -11.48 -18.38
C LEU B 189 8.96 -11.05 -19.80
N SER B 190 8.00 -11.08 -20.73
CA SER B 190 8.32 -10.81 -22.16
C SER B 190 8.82 -9.36 -22.32
N ARG B 191 8.40 -8.41 -21.50
CA ARG B 191 8.77 -6.97 -21.69
C ARG B 191 10.25 -6.74 -21.30
N PHE B 192 10.91 -7.67 -20.64
CA PHE B 192 12.27 -7.39 -20.11
C PHE B 192 13.33 -7.64 -21.19
N ASN B 193 14.34 -6.77 -21.24
CA ASN B 193 15.55 -6.95 -22.04
C ASN B 193 16.53 -7.77 -21.18
N PHE B 194 16.54 -9.09 -21.35
CA PHE B 194 17.44 -10.00 -20.60
C PHE B 194 18.85 -9.93 -21.22
N ILE B 195 19.86 -9.82 -20.37
CA ILE B 195 21.30 -9.93 -20.74
C ILE B 195 21.77 -11.30 -20.29
N TYR B 196 22.28 -12.07 -21.24
CA TYR B 196 22.75 -13.47 -21.00
C TYR B 196 24.25 -13.40 -20.73
N ASN B 197 24.65 -13.35 -19.46
CA ASN B 197 26.07 -13.27 -19.04
C ASN B 197 26.72 -14.65 -19.00
#